data_3ULD
#
_entry.id   3ULD
#
_cell.length_a   81.301
_cell.length_b   37.672
_cell.length_c   62.378
_cell.angle_alpha   90.00
_cell.angle_beta   96.76
_cell.angle_gamma   90.00
#
_symmetry.space_group_name_H-M   'C 1 2 1'
#
loop_
_entity.id
_entity.type
_entity.pdbx_description
1 polymer 'Ribonuclease H'
2 polymer "RNA (5'-R(*UP*CP*GP*AP*CP*A)-3')"
3 polymer "DNA (5'-D(*AP*TP*GP*TP*CP*(PGN))-3')"
4 non-polymer 'MAGNESIUM ION'
5 water water
#
loop_
_entity_poly.entity_id
_entity_poly.type
_entity_poly.pdbx_seq_one_letter_code
_entity_poly.pdbx_strand_id
1 'polypeptide(L)'
;GSHMAKEEIIWESLSVDVGSQGNPGIVEYKGVDTKTGEVLFEREPIPIGTNNMGEFLAIVHGLRYLKERNSRKPIYSNSQ
TAIKWVKDKKAKSTLVRNEETALIWKLVDEAEEWLNTHTYETPILKWQTDKWGEIKADYGRK
;
A
2 'polyribonucleotide' UCGACA B
3 'polydeoxyribonucleotide' (DA)(DT)(DG)(DT)(DC)(PGN) C
#
loop_
_chem_comp.id
_chem_comp.type
_chem_comp.name
_chem_comp.formula
A RNA linking ADENOSINE-5'-MONOPHOSPHATE 'C10 H14 N5 O7 P'
C RNA linking CYTIDINE-5'-MONOPHOSPHATE 'C9 H14 N3 O8 P'
DA DNA linking 2'-DEOXYADENOSINE-5'-MONOPHOSPHATE 'C10 H14 N5 O6 P'
DC DNA linking 2'-DEOXYCYTIDINE-5'-MONOPHOSPHATE 'C9 H14 N3 O7 P'
DG DNA linking 2'-DEOXYGUANOSINE-5'-MONOPHOSPHATE 'C10 H14 N5 O7 P'
DT DNA linking THYMIDINE-5'-MONOPHOSPHATE 'C10 H15 N2 O8 P'
G RNA linking GUANOSINE-5'-MONOPHOSPHATE 'C10 H14 N5 O8 P'
MG non-polymer 'MAGNESIUM ION' 'Mg 2'
PGN DNA linking 2'-DEOXYGUANOSINE-3',5'-DIPHOSPHATE 'C10 H15 N5 O10 P2'
U RNA linking URIDINE-5'-MONOPHOSPHATE 'C9 H13 N2 O9 P'
#
# COMPACT_ATOMS: atom_id res chain seq x y z
N GLU A 7 -15.84 13.46 4.80
CA GLU A 7 -17.17 13.76 4.14
C GLU A 7 -17.30 13.11 2.78
N GLU A 8 -16.59 13.62 1.77
CA GLU A 8 -16.73 13.03 0.45
C GLU A 8 -15.46 12.64 -0.31
N ILE A 9 -15.65 11.74 -1.26
CA ILE A 9 -14.56 11.10 -1.98
C ILE A 9 -13.80 12.10 -2.84
N ILE A 10 -12.49 12.16 -2.65
CA ILE A 10 -11.63 12.90 -3.57
C ILE A 10 -11.37 11.98 -4.75
N TRP A 11 -12.13 12.19 -5.83
CA TRP A 11 -12.09 11.31 -6.99
C TRP A 11 -10.75 11.36 -7.74
N GLU A 12 -10.08 12.52 -7.68
CA GLU A 12 -8.79 12.72 -8.32
C GLU A 12 -7.72 12.20 -7.35
N SER A 13 -7.56 10.88 -7.33
CA SER A 13 -6.74 10.21 -6.31
C SER A 13 -6.34 8.82 -6.79
N LEU A 14 -5.37 8.22 -6.09
CA LEU A 14 -4.92 6.83 -6.37
C LEU A 14 -5.39 5.98 -5.18
N SER A 15 -6.05 4.86 -5.45
CA SER A 15 -6.46 3.94 -4.37
C SER A 15 -5.59 2.70 -4.42
N VAL A 16 -5.07 2.29 -3.26
CA VAL A 16 -4.27 1.07 -3.16
C VAL A 16 -4.96 0.04 -2.25
N ASP A 17 -4.79 -1.24 -2.57
CA ASP A 17 -5.30 -2.30 -1.69
CA ASP A 17 -5.33 -2.31 -1.73
C ASP A 17 -4.47 -3.56 -1.85
N VAL A 18 -4.54 -4.40 -0.83
CA VAL A 18 -3.83 -5.67 -0.74
C VAL A 18 -4.81 -6.82 -0.94
N GLY A 19 -4.32 -7.90 -1.53
CA GLY A 19 -5.05 -9.16 -1.55
C GLY A 19 -4.11 -10.25 -1.06
N SER A 20 -4.66 -11.28 -0.39
CA SER A 20 -3.79 -12.36 0.05
C SER A 20 -4.48 -13.71 -0.09
N GLN A 21 -3.68 -14.76 0.01
CA GLN A 21 -4.21 -16.12 0.22
C GLN A 21 -3.51 -16.64 1.48
N GLY A 22 -4.27 -16.70 2.56
CA GLY A 22 -3.70 -16.86 3.88
C GLY A 22 -3.23 -15.52 4.46
N ASN A 23 -3.10 -15.49 5.78
CA ASN A 23 -2.54 -14.33 6.51
C ASN A 23 -1.93 -14.76 7.84
N PRO A 24 -0.59 -14.93 7.88
CA PRO A 24 0.38 -14.73 6.79
C PRO A 24 0.19 -15.70 5.64
N GLY A 25 0.42 -15.22 4.42
CA GLY A 25 0.32 -16.04 3.23
C GLY A 25 0.84 -15.28 2.02
N ILE A 26 0.34 -15.67 0.85
CA ILE A 26 0.76 -15.08 -0.42
C ILE A 26 0.12 -13.70 -0.45
N VAL A 27 0.94 -12.69 -0.68
CA VAL A 27 0.50 -11.29 -0.63
CA VAL A 27 0.43 -11.32 -0.66
C VAL A 27 0.76 -10.59 -1.97
N GLU A 28 -0.23 -9.80 -2.42
CA GLU A 28 0.00 -8.93 -3.58
C GLU A 28 -0.70 -7.62 -3.33
N TYR A 29 -0.48 -6.63 -4.19
CA TYR A 29 -1.23 -5.38 -4.07
C TYR A 29 -1.38 -4.73 -5.43
N LYS A 30 -2.21 -3.71 -5.49
CA LYS A 30 -2.39 -2.96 -6.73
C LYS A 30 -2.79 -1.54 -6.41
N GLY A 31 -2.60 -0.66 -7.40
CA GLY A 31 -3.02 0.73 -7.28
C GLY A 31 -3.92 1.03 -8.47
N VAL A 32 -5.00 1.75 -8.22
CA VAL A 32 -5.98 2.06 -9.27
C VAL A 32 -6.36 3.53 -9.24
N ASP A 33 -6.73 4.06 -10.40
CA ASP A 33 -7.29 5.39 -10.45
C ASP A 33 -8.68 5.32 -9.78
N THR A 34 -8.91 6.15 -8.76
CA THR A 34 -10.16 6.08 -7.99
C THR A 34 -11.35 6.40 -8.92
N LYS A 35 -11.14 7.31 -9.86
CA LYS A 35 -12.19 7.76 -10.79
C LYS A 35 -12.59 6.65 -11.76
N THR A 36 -11.61 6.10 -12.47
CA THR A 36 -11.82 5.21 -13.62
C THR A 36 -11.70 3.73 -13.34
N GLY A 37 -11.18 3.38 -12.16
CA GLY A 37 -10.92 1.98 -11.80
C GLY A 37 -9.76 1.34 -12.56
N GLU A 38 -9.13 2.10 -13.45
CA GLU A 38 -8.03 1.57 -14.22
C GLU A 38 -6.89 1.14 -13.30
N VAL A 39 -6.34 -0.04 -13.55
CA VAL A 39 -5.20 -0.56 -12.77
C VAL A 39 -3.93 0.15 -13.24
N LEU A 40 -3.27 0.85 -12.33
CA LEU A 40 -2.08 1.63 -12.65
C LEU A 40 -0.79 0.88 -12.34
N PHE A 41 -0.85 -0.01 -11.36
CA PHE A 41 0.27 -0.90 -11.06
C PHE A 41 -0.22 -2.11 -10.29
N GLU A 42 0.50 -3.20 -10.41
CA GLU A 42 0.15 -4.45 -9.71
C GLU A 42 1.42 -5.21 -9.42
N ARG A 43 1.61 -5.55 -8.14
CA ARG A 43 2.81 -6.24 -7.69
C ARG A 43 2.65 -7.75 -7.83
N GLU A 44 3.67 -8.37 -8.41
CA GLU A 44 3.83 -9.83 -8.45
CA GLU A 44 3.76 -9.83 -8.46
C GLU A 44 3.64 -10.41 -7.04
N PRO A 45 2.88 -11.51 -6.91
CA PRO A 45 2.66 -12.10 -5.57
C PRO A 45 3.95 -12.42 -4.82
N ILE A 46 3.97 -12.09 -3.53
CA ILE A 46 5.09 -12.35 -2.63
C ILE A 46 4.71 -13.59 -1.83
N PRO A 47 5.58 -14.63 -1.80
CA PRO A 47 5.11 -15.94 -1.31
C PRO A 47 4.63 -15.97 0.13
N ILE A 48 5.32 -15.27 1.05
CA ILE A 48 4.81 -15.13 2.42
C ILE A 48 4.91 -13.70 2.91
N GLY A 49 3.81 -13.18 3.44
CA GLY A 49 3.78 -11.85 4.00
C GLY A 49 2.54 -11.70 4.85
N THR A 50 2.39 -10.54 5.49
CA THR A 50 1.14 -10.29 6.20
C THR A 50 0.31 -9.27 5.42
N ASN A 51 -0.96 -9.25 5.73
CA ASN A 51 -1.85 -8.20 5.18
C ASN A 51 -1.30 -6.77 5.40
N ASN A 52 -0.84 -6.47 6.62
CA ASN A 52 -0.41 -5.13 6.93
C ASN A 52 0.91 -4.79 6.26
N MET A 53 1.81 -5.77 6.10
CA MET A 53 3.04 -5.49 5.32
C MET A 53 2.66 -5.17 3.87
N GLY A 54 1.73 -5.93 3.30
CA GLY A 54 1.30 -5.69 1.90
C GLY A 54 0.69 -4.30 1.74
N GLU A 55 -0.17 -3.92 2.71
CA GLU A 55 -0.80 -2.58 2.74
C GLU A 55 0.25 -1.47 2.80
N PHE A 56 1.30 -1.69 3.60
CA PHE A 56 2.40 -0.72 3.71
C PHE A 56 3.15 -0.59 2.40
N LEU A 57 3.52 -1.74 1.80
CA LEU A 57 4.29 -1.70 0.55
C LEU A 57 3.46 -1.04 -0.53
N ALA A 58 2.14 -1.28 -0.52
CA ALA A 58 1.27 -0.67 -1.54
C ALA A 58 1.24 0.85 -1.42
N ILE A 59 1.20 1.41 -0.21
CA ILE A 59 1.22 2.87 -0.04
C ILE A 59 2.57 3.43 -0.52
N VAL A 60 3.67 2.83 -0.03
CA VAL A 60 4.98 3.33 -0.41
C VAL A 60 5.18 3.26 -1.92
N HIS A 61 4.75 2.15 -2.55
CA HIS A 61 4.83 2.05 -4.01
C HIS A 61 4.01 3.15 -4.70
N GLY A 62 2.80 3.41 -4.19
CA GLY A 62 2.02 4.54 -4.69
C GLY A 62 2.74 5.90 -4.57
N LEU A 63 3.40 6.17 -3.45
CA LEU A 63 4.17 7.39 -3.28
C LEU A 63 5.24 7.50 -4.37
N ARG A 64 5.95 6.39 -4.57
CA ARG A 64 7.04 6.35 -5.55
C ARG A 64 6.49 6.60 -6.95
N TYR A 65 5.35 5.96 -7.26
CA TYR A 65 4.72 6.03 -8.57
C TYR A 65 4.25 7.46 -8.89
N LEU A 66 3.62 8.12 -7.92
CA LEU A 66 3.15 9.48 -8.10
C LEU A 66 4.30 10.49 -8.16
N LYS A 67 5.31 10.32 -7.30
CA LYS A 67 6.48 11.19 -7.31
C LYS A 67 7.17 11.17 -8.67
N GLU A 68 7.34 9.98 -9.24
CA GLU A 68 8.00 9.81 -10.55
C GLU A 68 7.25 10.52 -11.68
N ARG A 69 5.92 10.58 -11.55
CA ARG A 69 5.04 11.19 -12.55
C ARG A 69 4.67 12.64 -12.26
N ASN A 70 5.31 13.23 -11.26
CA ASN A 70 5.02 14.60 -10.80
C ASN A 70 3.53 14.80 -10.56
N SER A 71 2.88 13.82 -9.96
CA SER A 71 1.46 13.91 -9.61
C SER A 71 1.29 14.31 -8.12
N ARG A 72 0.33 15.22 -7.88
CA ARG A 72 0.04 15.68 -6.54
C ARG A 72 -1.20 14.99 -5.96
N LYS A 73 -1.73 14.00 -6.69
CA LYS A 73 -2.93 13.25 -6.22
C LYS A 73 -2.73 12.63 -4.83
N PRO A 74 -3.78 12.65 -3.97
CA PRO A 74 -3.66 11.89 -2.72
C PRO A 74 -3.72 10.39 -2.97
N ILE A 75 -3.32 9.63 -1.94
CA ILE A 75 -3.44 8.16 -1.98
C ILE A 75 -4.50 7.77 -0.95
N TYR A 76 -5.44 6.92 -1.33
CA TYR A 76 -6.40 6.30 -0.40
C TYR A 76 -5.91 4.91 -0.03
N SER A 77 -5.95 4.59 1.27
CA SER A 77 -5.76 3.23 1.79
C SER A 77 -6.87 3.00 2.82
N ASN A 78 -7.34 1.76 2.93
CA ASN A 78 -8.32 1.43 3.98
C ASN A 78 -7.66 0.99 5.28
N SER A 79 -6.33 1.06 5.33
CA SER A 79 -5.53 0.42 6.39
C SER A 79 -5.01 1.43 7.41
N GLN A 80 -5.68 1.47 8.55
CA GLN A 80 -5.26 2.24 9.72
C GLN A 80 -3.77 1.94 10.05
N THR A 81 -3.44 0.67 10.05
CA THR A 81 -2.08 0.23 10.41
C THR A 81 -1.06 0.77 9.42
N ALA A 82 -1.28 0.50 8.15
CA ALA A 82 -0.28 0.87 7.13
C ALA A 82 -0.11 2.38 7.01
N ILE A 83 -1.20 3.13 7.15
CA ILE A 83 -1.13 4.59 7.14
C ILE A 83 -0.21 5.06 8.28
N LYS A 84 -0.38 4.48 9.47
CA LYS A 84 0.49 4.86 10.59
C LYS A 84 1.93 4.47 10.34
N TRP A 85 2.16 3.27 9.83
CA TRP A 85 3.52 2.83 9.57
C TRP A 85 4.24 3.76 8.57
N VAL A 86 3.53 4.20 7.55
CA VAL A 86 4.14 5.11 6.58
C VAL A 86 4.49 6.47 7.24
N LYS A 87 3.57 7.02 8.02
CA LYS A 87 3.80 8.28 8.75
C LYS A 87 5.04 8.16 9.65
N ASP A 88 5.19 7.01 10.30
CA ASP A 88 6.31 6.76 11.21
C ASP A 88 7.60 6.39 10.48
N LYS A 89 7.51 6.07 9.20
CA LYS A 89 8.59 5.45 8.40
C LYS A 89 9.12 4.16 9.05
N LYS A 90 8.18 3.41 9.63
CA LYS A 90 8.53 2.24 10.41
C LYS A 90 7.39 1.22 10.38
N ALA A 91 7.60 0.12 9.68
CA ALA A 91 6.62 -0.97 9.65
C ALA A 91 6.82 -1.93 10.82
N LYS A 92 6.01 -1.74 11.86
CA LYS A 92 6.09 -2.50 13.12
C LYS A 92 5.39 -3.87 13.03
N SER A 93 5.81 -4.67 12.06
CA SER A 93 5.27 -6.02 11.88
C SER A 93 5.82 -6.98 12.93
N THR A 94 4.98 -7.95 13.32
CA THR A 94 5.34 -9.08 14.22
C THR A 94 5.82 -10.28 13.46
N LEU A 95 5.77 -10.22 12.13
CA LEU A 95 6.05 -11.41 11.34
C LEU A 95 7.48 -11.86 11.61
N VAL A 96 7.63 -13.15 11.89
CA VAL A 96 8.95 -13.69 12.17
C VAL A 96 9.86 -13.37 10.99
N ARG A 97 11.09 -12.98 11.30
CA ARG A 97 12.08 -12.73 10.28
C ARG A 97 13.01 -13.93 10.20
N ASN A 98 12.85 -14.70 9.13
CA ASN A 98 13.60 -15.93 8.89
C ASN A 98 13.73 -16.16 7.40
N GLU A 99 14.19 -17.36 7.02
CA GLU A 99 14.49 -17.69 5.63
C GLU A 99 13.27 -17.65 4.71
N GLU A 100 12.11 -18.06 5.22
CA GLU A 100 10.86 -18.04 4.42
C GLU A 100 10.28 -16.63 4.22
N THR A 101 10.52 -15.75 5.19
CA THR A 101 9.95 -14.40 5.16
C THR A 101 10.98 -13.38 4.68
N ALA A 102 12.10 -13.87 4.16
CA ALA A 102 13.24 -13.00 3.81
C ALA A 102 12.86 -11.95 2.78
N LEU A 103 12.09 -12.38 1.77
CA LEU A 103 11.68 -11.47 0.66
C LEU A 103 10.81 -10.31 1.13
N ILE A 104 9.71 -10.63 1.82
CA ILE A 104 8.84 -9.56 2.31
C ILE A 104 9.61 -8.63 3.24
N TRP A 105 10.48 -9.16 4.09
CA TRP A 105 11.19 -8.28 4.99
C TRP A 105 12.19 -7.38 4.25
N LYS A 106 12.81 -7.89 3.20
CA LYS A 106 13.75 -7.10 2.37
C LYS A 106 12.98 -5.95 1.72
N LEU A 107 11.81 -6.27 1.19
CA LEU A 107 10.99 -5.25 0.55
C LEU A 107 10.55 -4.18 1.52
N VAL A 108 10.12 -4.60 2.72
CA VAL A 108 9.75 -3.69 3.77
C VAL A 108 10.94 -2.80 4.14
N ASP A 109 12.12 -3.40 4.34
CA ASP A 109 13.32 -2.62 4.70
C ASP A 109 13.64 -1.59 3.61
N GLU A 110 13.52 -2.01 2.36
CA GLU A 110 13.76 -1.11 1.21
C GLU A 110 12.71 0.02 1.12
N ALA A 111 11.44 -0.28 1.44
CA ALA A 111 10.40 0.75 1.44
C ALA A 111 10.68 1.80 2.51
N GLU A 112 11.07 1.33 3.69
CA GLU A 112 11.43 2.23 4.80
C GLU A 112 12.62 3.07 4.35
N GLU A 113 13.56 2.46 3.62
CA GLU A 113 14.76 3.19 3.21
C GLU A 113 14.40 4.29 2.21
N TRP A 114 13.41 4.01 1.37
CA TRP A 114 12.97 5.00 0.39
C TRP A 114 12.36 6.21 1.11
N LEU A 115 11.51 5.91 2.08
CA LEU A 115 10.91 6.95 2.90
C LEU A 115 11.94 7.82 3.59
N ASN A 116 13.08 7.24 3.95
CA ASN A 116 14.10 7.98 4.68
C ASN A 116 15.07 8.76 3.77
N THR A 117 14.91 8.61 2.46
CA THR A 117 15.81 9.27 1.50
C THR A 117 15.08 10.16 0.49
N HIS A 118 13.76 10.28 0.64
CA HIS A 118 12.96 11.04 -0.31
C HIS A 118 11.91 11.87 0.38
N THR A 119 11.46 12.93 -0.27
CA THR A 119 10.38 13.73 0.29
C THR A 119 9.17 13.51 -0.57
N TYR A 120 8.00 13.80 -0.02
CA TYR A 120 6.77 13.71 -0.77
C TYR A 120 5.74 14.64 -0.12
N GLU A 121 4.78 15.08 -0.90
CA GLU A 121 3.71 15.90 -0.31
C GLU A 121 2.36 15.19 -0.33
N THR A 122 2.32 14.03 -1.02
CA THR A 122 1.12 13.22 -1.20
C THR A 122 0.39 13.08 0.11
N PRO A 123 -0.86 13.59 0.15
CA PRO A 123 -1.66 13.30 1.33
C PRO A 123 -2.02 11.83 1.34
N ILE A 124 -1.86 11.17 2.48
CA ILE A 124 -2.25 9.78 2.58
C ILE A 124 -3.54 9.74 3.40
N LEU A 125 -4.61 9.31 2.75
CA LEU A 125 -5.98 9.47 3.28
C LEU A 125 -6.64 8.13 3.60
N LYS A 126 -7.38 8.09 4.72
CA LYS A 126 -8.13 6.90 5.07
C LYS A 126 -9.38 6.79 4.20
N TRP A 127 -9.50 5.69 3.45
CA TRP A 127 -10.71 5.40 2.70
C TRP A 127 -11.80 5.01 3.70
N GLN A 128 -12.96 5.67 3.62
CA GLN A 128 -14.02 5.49 4.65
C GLN A 128 -15.00 4.43 4.20
N THR A 129 -14.61 3.17 4.39
CA THR A 129 -15.35 2.00 3.94
C THR A 129 -16.78 1.98 4.48
N ASP A 130 -16.93 2.44 5.71
CA ASP A 130 -18.24 2.37 6.36
C ASP A 130 -19.23 3.29 5.67
N LYS A 131 -18.74 4.42 5.14
CA LYS A 131 -19.57 5.39 4.42
C LYS A 131 -19.62 5.14 2.91
N TRP A 132 -18.52 4.66 2.33
CA TRP A 132 -18.37 4.61 0.86
C TRP A 132 -18.37 3.23 0.22
N GLY A 133 -18.38 2.18 1.03
CA GLY A 133 -18.29 0.83 0.48
C GLY A 133 -16.83 0.47 0.28
N GLU A 134 -16.56 -0.67 -0.33
CA GLU A 134 -15.19 -1.18 -0.39
C GLU A 134 -14.30 -0.34 -1.29
N ILE A 135 -13.03 -0.24 -0.91
CA ILE A 135 -12.06 0.52 -1.70
C ILE A 135 -11.91 -0.10 -3.10
N LYS A 136 -11.62 0.76 -4.07
CA LYS A 136 -11.53 0.33 -5.46
C LYS A 136 -10.33 -0.53 -5.82
N ALA A 137 -9.30 -0.53 -5.00
N ALA A 137 -9.23 -0.37 -5.09
CA ALA A 137 -8.26 -1.54 -5.18
CA ALA A 137 -8.07 -1.23 -5.36
C ALA A 137 -8.60 -2.88 -4.51
N ASP A 138 -9.88 -3.09 -4.14
CA ASP A 138 -10.31 -4.35 -3.53
C ASP A 138 -10.14 -5.53 -4.49
N TYR A 139 -9.66 -6.64 -3.93
CA TYR A 139 -9.53 -7.90 -4.64
C TYR A 139 -10.81 -8.72 -4.46
P1 PGN C 6 -6.33 7.70 20.11
O4P PGN C 6 -7.55 8.20 20.80
O5P PGN C 6 -6.04 8.12 18.72
O6P PGN C 6 -5.06 7.99 21.04
P PGN C 6 -2.17 3.99 17.06
OP1 PGN C 6 -2.17 5.26 16.29
OP2 PGN C 6 -1.08 3.64 17.96
O5' PGN C 6 -3.53 3.93 17.86
C5' PGN C 6 -4.75 4.37 17.26
C4' PGN C 6 -5.80 4.60 18.34
O4' PGN C 6 -6.30 3.32 18.80
C3' PGN C 6 -5.33 5.31 19.61
O3' PGN C 6 -6.42 6.09 20.09
C2' PGN C 6 -5.01 4.17 20.58
C1' PGN C 6 -6.13 3.21 20.21
N9 PGN C 6 -5.88 1.79 20.47
C8 PGN C 6 -4.77 1.07 20.14
N7 PGN C 6 -4.85 -0.18 20.47
C5 PGN C 6 -6.11 -0.30 21.07
C6 PGN C 6 -6.74 -1.42 21.65
O6 PGN C 6 -6.28 -2.57 21.71
N1 PGN C 6 -8.00 -1.12 22.15
C2 PGN C 6 -8.59 0.13 22.12
N2 PGN C 6 -9.81 0.24 22.66
N3 PGN C 6 -7.99 1.20 21.57
C4 PGN C 6 -6.76 0.91 21.08
MG MG D . -7.18 -2.93 2.52
MG MG E . -9.23 -5.37 0.21
MG MG F . 12.74 5.99 -7.07
MG MG G . 7.26 -3.93 -3.66
#